data_4DL6
#
_entry.id   4DL6
#
_cell.length_a   98.780
_cell.length_b   98.780
_cell.length_c   81.510
_cell.angle_alpha   90.00
_cell.angle_beta   90.00
_cell.angle_gamma   120.00
#
_symmetry.space_group_name_H-M   'P 61'
#
loop_
_entity.id
_entity.type
_entity.pdbx_description
1 polymer 'DNA polymerase eta'
2 polymer "DNA (5'-D(*TP*AP*TP*CP*GP*GP*CP*AP*CP*AP*CP*T)-3')"
3 polymer "DNA (5'-D(*TP*AP*GP*TP*GP*TP*GP*CP*C)-3')"
4 non-polymer 'MAGNESIUM ION'
5 non-polymer "2'-deoxy-5'-O-[(R)-hydroxy{[(R)-hydroxy(phosphonooxy)phosphoryl]amino}phosphoryl]guanosine"
6 non-polymer Cisplatin
7 water water
#
loop_
_entity_poly.entity_id
_entity_poly.type
_entity_poly.pdbx_seq_one_letter_code
_entity_poly.pdbx_strand_id
1 'polypeptide(L)'
;GPHMATGQDRVVALVDMDCFFVQVEQRQNPHLRNKPCAVVQYKSWKGGGIIAVSYEARAFGVTRSMWADDAKKLCPDLLL
AQVRESRGKANLTKYREASVEVMEIMSRFAVIERASIDEAYVDLTSAVQERLQKLQGQPISADLLPSTYIEGLPQGPTTA
EETVQKEGMRKQGLFQWLDSLQIDNLTSPDLQLTVGAVIVEEMRAAIERETGFQCSAGISHNKVLAKLACGLNKPNRQTL
VSHGSVPQLFSQMPIRKIRSLGGKLGASVIEILGIEYMGELTQFTESQLQSHFGEKNGSWLYAMCRGIEHDPVKPRQLPK
TIGCSKNFPGKTALATREQVQWWLLQLAQELEERLTKDRNDNDRVATQLVVSIRVQGDKRLSSLRRCCALTRYDAHKMSH
DAFTVIKNCNTSGIQTEWSPPLTMLFLCATKFSAS
;
A
2 'polydeoxyribonucleotide' (DT)(DA)(DT)(DC)(DG)(DG)(DC)(DA)(DC)(DA)(DC)(DT) T
3 'polydeoxyribonucleotide' (DT)(DA)(DG)(DT)(DG)(DT)(DG)(DC)(DC) P
#
loop_
_chem_comp.id
_chem_comp.type
_chem_comp.name
_chem_comp.formula
CPT non-polymer Cisplatin 'Cl2 H6 N2 Pt'
DA DNA linking 2'-DEOXYADENOSINE-5'-MONOPHOSPHATE 'C10 H14 N5 O6 P'
DC DNA linking 2'-DEOXYCYTIDINE-5'-MONOPHOSPHATE 'C9 H14 N3 O7 P'
DG DNA linking 2'-DEOXYGUANOSINE-5'-MONOPHOSPHATE 'C10 H14 N5 O7 P'
DT DNA linking THYMIDINE-5'-MONOPHOSPHATE 'C10 H15 N2 O8 P'
MG non-polymer 'MAGNESIUM ION' 'Mg 2'
XG4 non-polymer 2'-deoxy-5'-O-[(R)-hydroxy{[(R)-hydroxy(phosphonooxy)phosphoryl]amino}phosphoryl]guanosine 'C10 H17 N6 O12 P3'
#
# COMPACT_ATOMS: atom_id res chain seq x y z
N THR A 6 7.69 11.25 24.52
CA THR A 6 8.74 10.35 23.93
C THR A 6 8.53 9.89 22.41
N GLY A 7 7.39 9.20 22.10
CA GLY A 7 7.03 8.59 20.84
C GLY A 7 7.76 7.28 20.60
N GLN A 8 8.31 6.71 21.66
CA GLN A 8 9.10 5.50 21.57
C GLN A 8 8.39 4.38 22.33
N ASP A 9 7.10 4.59 22.55
CA ASP A 9 6.28 3.70 23.35
C ASP A 9 5.97 2.38 22.65
N ARG A 10 5.73 2.44 21.35
CA ARG A 10 5.32 1.26 20.60
C ARG A 10 6.39 0.80 19.63
N VAL A 11 6.29 -0.47 19.23
CA VAL A 11 7.09 -0.97 18.13
C VAL A 11 6.15 -1.32 16.98
N VAL A 12 6.37 -0.64 15.85
CA VAL A 12 5.51 -0.79 14.69
C VAL A 12 6.35 -1.10 13.46
N ALA A 13 5.89 -2.06 12.68
CA ALA A 13 6.58 -2.41 11.43
C ALA A 13 5.63 -2.29 10.25
N LEU A 14 6.19 -1.99 9.08
CA LEU A 14 5.41 -1.93 7.86
C LEU A 14 6.05 -2.84 6.83
N VAL A 15 5.30 -3.82 6.35
CA VAL A 15 5.83 -4.76 5.38
C VAL A 15 5.17 -4.59 4.01
N ASP A 16 5.99 -4.52 2.98
CA ASP A 16 5.50 -4.28 1.65
C ASP A 16 6.17 -5.20 0.63
N MET A 17 5.36 -5.90 -0.17
CA MET A 17 5.87 -6.82 -1.17
C MET A 17 6.57 -6.04 -2.27
N ASP A 18 7.64 -6.58 -2.82
CA ASP A 18 8.35 -5.89 -3.90
C ASP A 18 7.74 -6.25 -5.24
N CYS A 19 7.51 -5.24 -6.08
CA CYS A 19 6.89 -5.44 -7.39
C CYS A 19 5.92 -6.62 -7.34
N PHE A 20 4.93 -6.49 -6.46
CA PHE A 20 4.05 -7.59 -6.06
C PHE A 20 3.37 -8.34 -7.21
N PHE A 21 2.67 -7.63 -8.07
CA PHE A 21 1.99 -8.25 -9.20
C PHE A 21 3.00 -8.96 -10.10
N VAL A 22 4.16 -8.35 -10.26
CA VAL A 22 5.24 -8.97 -11.02
C VAL A 22 5.68 -10.28 -10.38
N GLN A 23 5.80 -10.28 -9.05
CA GLN A 23 6.19 -11.48 -8.33
C GLN A 23 5.15 -12.58 -8.48
N VAL A 24 3.88 -12.18 -8.47
CA VAL A 24 2.79 -13.13 -8.64
C VAL A 24 2.89 -13.81 -10.00
N GLU A 25 3.09 -13.00 -11.04
CA GLU A 25 3.25 -13.52 -12.40
C GLU A 25 4.54 -14.32 -12.56
N GLN A 26 5.60 -13.89 -11.87
CA GLN A 26 6.89 -14.57 -11.95
C GLN A 26 6.85 -15.92 -11.26
N ARG A 27 6.14 -15.99 -10.14
CA ARG A 27 6.01 -17.27 -9.46
C ARG A 27 5.22 -18.24 -10.33
N GLN A 28 4.15 -17.74 -10.95
CA GLN A 28 3.34 -18.57 -11.82
C GLN A 28 4.08 -18.89 -13.11
N ASN A 29 4.83 -17.92 -13.62
CA ASN A 29 5.78 -18.20 -14.67
CA ASN A 29 5.69 -18.14 -14.78
C ASN A 29 7.15 -18.04 -14.41
N PRO A 30 7.85 -19.16 -14.49
CA PRO A 30 9.30 -19.20 -14.22
C PRO A 30 10.13 -18.38 -15.21
N HIS A 31 9.64 -18.24 -16.44
CA HIS A 31 10.38 -17.54 -17.50
C HIS A 31 10.60 -16.07 -17.21
N LEU A 32 9.68 -15.46 -16.49
CA LEU A 32 9.72 -14.03 -16.22
C LEU A 32 10.67 -13.70 -15.09
N ARG A 33 11.15 -14.74 -14.40
CA ARG A 33 12.04 -14.56 -13.27
C ARG A 33 13.39 -13.98 -13.68
N ASN A 34 13.88 -13.03 -12.89
CA ASN A 34 15.17 -12.39 -13.12
C ASN A 34 15.28 -11.73 -14.49
N LYS A 35 14.16 -11.17 -14.96
CA LYS A 35 14.13 -10.48 -16.24
C LYS A 35 13.35 -9.18 -16.07
N PRO A 36 13.62 -8.19 -16.91
CA PRO A 36 12.83 -6.96 -16.84
C PRO A 36 11.42 -7.26 -17.32
N CYS A 37 10.43 -6.95 -16.50
CA CYS A 37 9.04 -7.16 -16.91
C CYS A 37 8.07 -6.24 -16.20
N ALA A 38 6.92 -6.06 -16.80
CA ALA A 38 5.87 -5.22 -16.26
C ALA A 38 4.54 -5.93 -16.43
N VAL A 39 3.57 -5.53 -15.62
CA VAL A 39 2.22 -6.04 -15.77
C VAL A 39 1.34 -4.96 -16.39
N VAL A 40 0.51 -5.37 -17.35
CA VAL A 40 -0.35 -4.42 -18.06
C VAL A 40 -1.78 -4.92 -18.16
N GLN A 41 -2.70 -4.00 -18.38
CA GLN A 41 -4.11 -4.32 -18.60
C GLN A 41 -4.64 -3.54 -19.79
N TYR A 42 -5.60 -4.12 -20.51
CA TYR A 42 -6.18 -3.48 -21.68
C TYR A 42 -5.14 -3.17 -22.76
N LYS A 43 -4.66 -4.21 -23.41
CA LYS A 43 -3.57 -4.09 -24.38
C LYS A 43 -3.89 -3.23 -25.61
N SER A 44 -5.15 -3.19 -26.00
CA SER A 44 -5.54 -2.52 -27.24
C SER A 44 -4.99 -1.10 -27.35
N TRP A 45 -5.00 -0.37 -26.25
CA TRP A 45 -4.55 1.00 -26.25
CA TRP A 45 -4.48 0.96 -26.34
C TRP A 45 -3.12 1.10 -25.86
N LYS A 46 -2.28 1.46 -26.82
CA LYS A 46 -0.86 1.67 -26.58
C LYS A 46 -0.19 0.51 -25.84
N GLY A 47 -0.70 -0.70 -26.05
CA GLY A 47 -0.12 -1.88 -25.44
C GLY A 47 -0.62 -2.13 -24.03
N GLY A 48 -1.42 -1.20 -23.53
CA GLY A 48 -1.98 -1.31 -22.19
C GLY A 48 -1.25 -0.43 -21.19
N GLY A 49 -1.94 -0.08 -20.11
CA GLY A 49 -1.34 0.70 -19.05
C GLY A 49 -0.57 -0.18 -18.11
N ILE A 50 0.58 0.32 -17.66
CA ILE A 50 1.46 -0.45 -16.79
C ILE A 50 1.17 -0.15 -15.33
N ILE A 51 0.93 -1.19 -14.54
CA ILE A 51 0.63 -1.02 -13.13
C ILE A 51 1.69 -1.61 -12.21
N ALA A 52 2.56 -2.45 -12.75
CA ALA A 52 3.62 -3.05 -11.95
C ALA A 52 4.88 -3.31 -12.78
N VAL A 53 6.02 -2.96 -12.19
CA VAL A 53 7.29 -3.01 -12.90
C VAL A 53 8.36 -3.64 -12.03
N SER A 54 9.01 -4.67 -12.56
CA SER A 54 10.10 -5.32 -11.85
C SER A 54 11.28 -4.38 -11.74
N TYR A 55 12.20 -4.72 -10.85
CA TYR A 55 13.39 -3.89 -10.63
C TYR A 55 14.34 -3.92 -11.81
N GLU A 56 14.41 -5.05 -12.51
CA GLU A 56 15.18 -5.13 -13.74
C GLU A 56 14.69 -4.14 -14.79
N ALA A 57 13.37 -3.95 -14.85
CA ALA A 57 12.78 -3.01 -15.79
C ALA A 57 12.99 -1.57 -15.34
N ARG A 58 13.00 -1.36 -14.03
CA ARG A 58 13.19 -0.02 -13.48
C ARG A 58 14.56 0.56 -13.80
N ALA A 59 15.57 -0.30 -13.92
CA ALA A 59 16.90 0.19 -14.27
C ALA A 59 16.85 0.89 -15.62
N PHE A 60 15.88 0.50 -16.46
CA PHE A 60 15.70 1.12 -17.77
C PHE A 60 14.82 2.36 -17.71
N GLY A 61 14.25 2.62 -16.55
CA GLY A 61 13.43 3.80 -16.34
C GLY A 61 11.94 3.57 -16.54
N VAL A 62 11.55 2.30 -16.68
CA VAL A 62 10.15 1.96 -16.85
C VAL A 62 9.38 2.22 -15.56
N THR A 63 8.21 2.83 -15.69
CA THR A 63 7.40 3.18 -14.52
C THR A 63 5.93 2.85 -14.76
N ARG A 64 5.16 2.78 -13.68
CA ARG A 64 3.72 2.55 -13.80
C ARG A 64 3.06 3.82 -14.33
N SER A 65 1.89 3.66 -14.93
CA SER A 65 1.21 4.80 -15.51
C SER A 65 1.90 5.18 -16.81
N MET A 66 2.65 4.24 -17.35
CA MET A 66 3.35 4.43 -18.61
C MET A 66 2.71 3.46 -19.60
N TRP A 67 2.62 3.86 -20.86
CA TRP A 67 2.09 2.99 -21.88
C TRP A 67 3.08 1.91 -22.20
N ALA A 68 2.59 0.70 -22.42
CA ALA A 68 3.47 -0.43 -22.71
C ALA A 68 4.33 -0.18 -23.94
N ASP A 69 3.77 0.45 -24.96
CA ASP A 69 4.53 0.75 -26.17
C ASP A 69 5.70 1.68 -25.86
N ASP A 70 5.45 2.71 -25.05
CA ASP A 70 6.50 3.63 -24.64
C ASP A 70 7.55 2.94 -23.78
N ALA A 71 7.09 2.06 -22.89
CA ALA A 71 7.98 1.26 -22.06
C ALA A 71 8.88 0.39 -22.92
N LYS A 72 8.36 -0.07 -24.05
CA LYS A 72 9.14 -0.93 -24.93
CA LYS A 72 9.13 -0.90 -24.96
C LYS A 72 10.30 -0.12 -25.50
N LYS A 73 10.01 1.15 -25.81
CA LYS A 73 11.03 2.03 -26.36
C LYS A 73 12.16 2.21 -25.37
N LEU A 74 11.82 2.28 -24.08
CA LEU A 74 12.83 2.46 -23.04
C LEU A 74 13.58 1.16 -22.77
N CYS A 75 12.86 0.05 -22.83
CA CYS A 75 13.42 -1.26 -22.53
C CYS A 75 13.05 -2.27 -23.61
N PRO A 76 13.97 -2.51 -24.55
CA PRO A 76 13.73 -3.35 -25.73
C PRO A 76 13.33 -4.80 -25.41
N ASP A 77 13.97 -5.41 -24.41
CA ASP A 77 13.69 -6.80 -24.05
C ASP A 77 12.63 -6.97 -22.97
N LEU A 78 11.92 -5.89 -22.67
CA LEU A 78 10.90 -5.92 -21.63
C LEU A 78 9.84 -6.98 -21.92
N LEU A 79 9.59 -7.84 -20.93
CA LEU A 79 8.53 -8.83 -21.02
C LEU A 79 7.28 -8.31 -20.30
N LEU A 80 6.12 -8.58 -20.85
CA LEU A 80 4.87 -8.08 -20.29
C LEU A 80 3.93 -9.19 -19.87
N ALA A 81 3.25 -8.99 -18.75
CA ALA A 81 2.23 -9.92 -18.29
C ALA A 81 0.90 -9.18 -18.26
N GLN A 82 -0.15 -9.84 -18.72
CA GLN A 82 -1.46 -9.20 -18.80
C GLN A 82 -2.36 -9.57 -17.64
N VAL A 83 -3.05 -8.57 -17.09
CA VAL A 83 -4.09 -8.80 -16.12
C VAL A 83 -5.21 -9.60 -16.77
N ARG A 84 -5.72 -10.60 -16.07
CA ARG A 84 -6.85 -11.39 -16.56
C ARG A 84 -8.02 -10.44 -16.86
N GLU A 85 -8.75 -10.74 -17.91
CA GLU A 85 -9.91 -9.93 -18.27
C GLU A 85 -11.18 -10.76 -18.16
N SER A 86 -12.14 -10.29 -17.37
CA SER A 86 -13.42 -10.96 -17.24
C SER A 86 -14.61 -10.02 -17.46
N ARG A 87 -15.56 -10.47 -18.27
CA ARG A 87 -16.77 -9.71 -18.55
C ARG A 87 -16.45 -8.30 -19.04
N GLY A 88 -15.36 -8.19 -19.80
CA GLY A 88 -15.01 -6.93 -20.43
C GLY A 88 -14.29 -5.96 -19.52
N LYS A 89 -13.93 -6.39 -18.33
CA LYS A 89 -13.15 -5.56 -17.42
C LYS A 89 -12.01 -6.34 -16.77
N ALA A 90 -11.05 -5.61 -16.21
CA ALA A 90 -9.90 -6.22 -15.58
C ALA A 90 -10.28 -7.00 -14.33
N ASN A 91 -9.64 -8.16 -14.16
CA ASN A 91 -9.91 -9.03 -13.02
C ASN A 91 -8.66 -9.21 -12.18
N LEU A 92 -8.72 -8.76 -10.93
CA LEU A 92 -7.55 -8.76 -10.06
C LEU A 92 -7.58 -9.91 -9.06
N THR A 93 -8.36 -10.94 -9.39
CA THR A 93 -8.59 -12.06 -8.48
C THR A 93 -7.30 -12.78 -8.08
N LYS A 94 -6.45 -13.06 -9.05
CA LYS A 94 -5.19 -13.77 -8.81
C LYS A 94 -4.33 -13.05 -7.78
N TYR A 95 -4.28 -11.72 -7.88
CA TYR A 95 -3.46 -10.91 -6.98
C TYR A 95 -4.09 -10.77 -5.61
N ARG A 96 -5.43 -10.76 -5.56
CA ARG A 96 -6.14 -10.72 -4.29
C ARG A 96 -5.90 -12.00 -3.49
N GLU A 97 -5.94 -13.15 -4.16
CA GLU A 97 -5.70 -14.43 -3.50
C GLU A 97 -4.27 -14.56 -2.98
N ALA A 98 -3.30 -14.12 -3.78
CA ALA A 98 -1.91 -14.12 -3.35
C ALA A 98 -1.76 -13.25 -2.12
N SER A 99 -2.45 -12.11 -2.15
CA SER A 99 -2.46 -11.17 -1.04
C SER A 99 -2.91 -11.83 0.26
N VAL A 100 -3.99 -12.60 0.19
CA VAL A 100 -4.51 -13.29 1.35
C VAL A 100 -3.47 -14.24 1.95
N GLU A 101 -2.76 -14.94 1.07
CA GLU A 101 -1.70 -15.85 1.51
C GLU A 101 -0.71 -15.13 2.42
N VAL A 102 -0.21 -13.99 1.96
CA VAL A 102 0.77 -13.21 2.72
C VAL A 102 0.19 -12.71 4.05
N MET A 103 -1.04 -12.20 4.00
CA MET A 103 -1.69 -11.68 5.21
C MET A 103 -1.83 -12.77 6.25
N GLU A 104 -2.21 -13.96 5.80
CA GLU A 104 -2.37 -15.10 6.68
C GLU A 104 -1.08 -15.50 7.40
N ILE A 105 0.04 -15.48 6.69
CA ILE A 105 1.31 -15.81 7.33
C ILE A 105 1.65 -14.75 8.38
N MET A 106 1.50 -13.49 8.02
CA MET A 106 1.83 -12.40 8.93
CA MET A 106 1.81 -12.41 8.93
C MET A 106 0.97 -12.46 10.19
N SER A 107 -0.29 -12.82 10.01
CA SER A 107 -1.25 -12.84 11.11
C SER A 107 -0.80 -13.72 12.27
N ARG A 108 -0.01 -14.74 11.96
CA ARG A 108 0.44 -15.70 12.94
C ARG A 108 1.38 -15.06 13.95
N PHE A 109 2.20 -14.13 13.48
CA PHE A 109 3.21 -13.51 14.32
C PHE A 109 2.64 -12.40 15.20
N ALA A 110 1.70 -11.62 14.65
CA ALA A 110 1.12 -10.51 15.38
C ALA A 110 -0.16 -10.01 14.74
N VAL A 111 -0.91 -9.19 15.48
CA VAL A 111 -2.07 -8.51 14.92
C VAL A 111 -1.61 -7.51 13.88
N ILE A 112 -2.25 -7.53 12.71
CA ILE A 112 -1.83 -6.66 11.62
C ILE A 112 -2.96 -5.80 11.09
N GLU A 113 -2.57 -4.69 10.45
CA GLU A 113 -3.50 -3.83 9.74
C GLU A 113 -3.20 -3.87 8.26
N ARG A 114 -4.12 -4.42 7.48
CA ARG A 114 -3.98 -4.43 6.04
C ARG A 114 -4.14 -3.03 5.48
N ALA A 115 -3.03 -2.40 5.11
CA ALA A 115 -3.04 -1.04 4.61
C ALA A 115 -3.37 -1.00 3.11
N SER A 116 -2.91 -2.02 2.40
CA SER A 116 -3.22 -2.13 0.98
C SER A 116 -3.07 -3.57 0.54
N ILE A 117 -3.22 -3.81 -0.76
CA ILE A 117 -3.19 -5.18 -1.26
C ILE A 117 -1.88 -5.90 -0.99
N ASP A 118 -0.78 -5.15 -0.88
CA ASP A 118 0.52 -5.80 -0.77
C ASP A 118 1.35 -5.32 0.40
N GLU A 119 0.74 -4.55 1.30
CA GLU A 119 1.44 -4.12 2.49
C GLU A 119 0.53 -4.26 3.71
N ALA A 120 1.15 -4.49 4.86
CA ALA A 120 0.41 -4.60 6.11
C ALA A 120 1.22 -3.99 7.24
N TYR A 121 0.53 -3.33 8.17
CA TYR A 121 1.17 -2.79 9.36
C TYR A 121 1.06 -3.78 10.51
N VAL A 122 2.15 -3.90 11.27
CA VAL A 122 2.22 -4.83 12.38
C VAL A 122 2.61 -4.10 13.65
N ASP A 123 1.87 -4.36 14.71
CA ASP A 123 2.21 -3.82 16.02
C ASP A 123 2.88 -4.92 16.83
N LEU A 124 4.17 -4.76 17.11
CA LEU A 124 4.95 -5.83 17.73
C LEU A 124 5.31 -5.56 19.19
N THR A 125 4.72 -4.50 19.75
CA THR A 125 4.99 -4.10 21.11
C THR A 125 4.95 -5.29 22.06
N SER A 126 3.84 -6.03 22.05
CA SER A 126 3.65 -7.17 22.95
C SER A 126 4.62 -8.33 22.66
N ALA A 127 4.69 -8.71 21.39
CA ALA A 127 5.58 -9.82 20.99
C ALA A 127 7.01 -9.54 21.41
N VAL A 128 7.45 -8.30 21.22
CA VAL A 128 8.80 -7.91 21.60
C VAL A 128 9.04 -8.11 23.10
N GLN A 129 8.09 -7.68 23.92
CA GLN A 129 8.19 -7.87 25.37
C GLN A 129 8.38 -9.35 25.69
N GLU A 130 7.50 -10.18 25.14
CA GLU A 130 7.55 -11.63 25.39
C GLU A 130 8.88 -12.25 25.01
N ARG A 131 9.38 -11.87 23.83
CA ARG A 131 10.66 -12.36 23.34
C ARG A 131 11.78 -11.99 24.30
N LEU A 132 11.72 -10.77 24.81
CA LEU A 132 12.73 -10.29 25.75
C LEU A 132 12.82 -11.19 26.97
N GLN A 133 11.67 -11.61 27.50
CA GLN A 133 11.64 -12.49 28.65
C GLN A 133 12.26 -13.86 28.35
N LYS A 134 11.91 -14.42 27.19
CA LYS A 134 12.38 -15.75 26.83
C LYS A 134 13.88 -15.81 26.57
N LEU A 135 14.43 -14.79 25.91
CA LEU A 135 15.87 -14.74 25.67
C LEU A 135 16.60 -13.84 26.65
N GLN A 136 15.92 -13.52 27.76
CA GLN A 136 16.44 -12.56 28.73
C GLN A 136 17.91 -12.81 29.07
N GLY A 137 18.69 -11.73 29.07
CA GLY A 137 20.10 -11.83 29.41
C GLY A 137 20.99 -12.29 28.28
N GLN A 138 20.43 -12.48 27.10
CA GLN A 138 21.20 -12.96 25.97
C GLN A 138 21.43 -11.86 24.94
N PRO A 139 22.68 -11.72 24.48
CA PRO A 139 23.08 -10.76 23.45
C PRO A 139 22.43 -11.10 22.11
N ILE A 140 22.26 -10.09 21.27
CA ILE A 140 21.70 -10.32 19.94
C ILE A 140 22.82 -10.45 18.92
N SER A 141 22.93 -11.64 18.35
CA SER A 141 23.96 -11.92 17.36
C SER A 141 23.67 -11.22 16.03
N ALA A 142 24.72 -10.85 15.32
CA ALA A 142 24.58 -10.19 14.03
C ALA A 142 23.93 -11.14 13.04
N ASP A 143 24.09 -12.43 13.27
CA ASP A 143 23.56 -13.46 12.39
C ASP A 143 22.03 -13.42 12.29
N LEU A 144 21.39 -12.91 13.34
CA LEU A 144 19.93 -12.87 13.41
C LEU A 144 19.31 -11.82 12.50
N LEU A 145 20.12 -10.84 12.10
CA LEU A 145 19.65 -9.72 11.31
C LEU A 145 20.38 -9.66 9.97
N PRO A 146 20.20 -10.70 9.14
CA PRO A 146 20.98 -10.85 7.91
C PRO A 146 20.65 -9.84 6.82
N SER A 147 19.46 -9.24 6.87
CA SER A 147 19.07 -8.28 5.84
C SER A 147 18.63 -6.94 6.42
N THR A 148 19.04 -6.67 7.65
CA THR A 148 18.65 -5.44 8.33
C THR A 148 19.65 -4.30 8.10
N TYR A 149 19.11 -3.13 7.76
CA TYR A 149 19.89 -1.91 7.66
C TYR A 149 19.54 -1.01 8.85
N ILE A 150 20.55 -0.37 9.44
CA ILE A 150 20.31 0.59 10.51
C ILE A 150 20.47 2.00 9.96
N GLU A 151 19.36 2.75 9.89
CA GLU A 151 19.38 4.10 9.34
C GLU A 151 20.29 5.03 10.14
N GLY A 152 21.17 5.75 9.43
CA GLY A 152 22.06 6.71 10.05
C GLY A 152 23.44 6.14 10.34
N LEU A 153 23.58 4.83 10.17
CA LEU A 153 24.84 4.16 10.41
C LEU A 153 25.32 3.46 9.14
N PRO A 154 26.64 3.20 9.03
CA PRO A 154 27.66 3.53 10.04
C PRO A 154 28.03 5.00 10.04
N GLN A 155 28.70 5.44 11.09
CA GLN A 155 29.15 6.82 11.22
C GLN A 155 30.59 6.89 11.67
N GLY A 156 31.19 8.08 11.56
CA GLY A 156 32.57 8.26 11.95
C GLY A 156 33.51 7.47 11.07
N PRO A 157 34.54 6.85 11.66
CA PRO A 157 35.48 6.00 10.94
C PRO A 157 34.75 4.93 10.13
N GLU A 161 38.13 -1.25 3.17
CA GLU A 161 37.58 -1.17 1.83
C GLU A 161 36.17 -1.77 1.78
N GLU A 162 35.69 -2.23 2.92
CA GLU A 162 34.38 -2.86 2.99
C GLU A 162 33.26 -1.87 2.70
N THR A 163 33.46 -0.63 3.13
CA THR A 163 32.44 0.40 3.01
C THR A 163 32.06 0.71 1.56
N VAL A 164 32.99 0.54 0.63
CA VAL A 164 32.69 0.79 -0.77
C VAL A 164 31.56 -0.10 -1.27
N GLN A 165 31.47 -1.30 -0.69
CA GLN A 165 30.39 -2.21 -1.04
C GLN A 165 29.14 -1.93 -0.21
N LYS A 166 27.99 -2.12 -0.85
CA LYS A 166 26.71 -1.92 -0.17
C LYS A 166 26.62 -2.81 1.06
N GLU A 167 26.96 -4.08 0.89
CA GLU A 167 26.88 -5.05 1.97
C GLU A 167 27.81 -4.69 3.11
N GLY A 168 28.99 -4.17 2.77
CA GLY A 168 29.95 -3.71 3.75
C GLY A 168 29.35 -2.65 4.66
N MET A 169 28.72 -1.64 4.06
CA MET A 169 28.07 -0.58 4.81
C MET A 169 27.07 -1.18 5.80
N ARG A 170 26.20 -2.05 5.29
CA ARG A 170 25.17 -2.65 6.14
C ARG A 170 25.78 -3.36 7.34
N LYS A 171 26.81 -4.18 7.10
CA LYS A 171 27.44 -4.94 8.19
C LYS A 171 28.06 -4.04 9.24
N GLN A 172 28.77 -3.01 8.79
CA GLN A 172 29.44 -2.09 9.69
C GLN A 172 28.44 -1.31 10.55
N GLY A 173 27.37 -0.83 9.91
CA GLY A 173 26.34 -0.11 10.61
C GLY A 173 25.70 -0.97 11.67
N LEU A 174 25.37 -2.20 11.31
CA LEU A 174 24.74 -3.14 12.23
C LEU A 174 25.67 -3.48 13.39
N PHE A 175 26.95 -3.66 13.11
CA PHE A 175 27.93 -3.95 14.15
C PHE A 175 27.99 -2.81 15.17
N GLN A 176 28.07 -1.58 14.67
CA GLN A 176 28.12 -0.42 15.53
C GLN A 176 26.86 -0.35 16.39
N TRP A 177 25.71 -0.58 15.76
CA TRP A 177 24.43 -0.55 16.46
C TRP A 177 24.36 -1.59 17.56
N LEU A 178 24.67 -2.84 17.22
CA LEU A 178 24.64 -3.92 18.19
C LEU A 178 25.62 -3.68 19.33
N ASP A 179 26.82 -3.24 18.99
CA ASP A 179 27.85 -2.96 20.00
C ASP A 179 27.38 -1.89 20.99
N SER A 180 26.63 -0.92 20.48
CA SER A 180 26.12 0.16 21.32
C SER A 180 25.03 -0.35 22.25
N LEU A 181 24.24 -1.30 21.77
CA LEU A 181 23.10 -1.84 22.50
C LEU A 181 23.42 -2.38 23.89
N GLN A 182 22.65 -1.97 24.89
CA GLN A 182 22.81 -2.52 26.23
C GLN A 182 21.75 -3.58 26.53
N ILE A 183 22.19 -4.83 26.62
CA ILE A 183 21.29 -5.95 26.90
C ILE A 183 20.60 -5.80 28.25
N ASP A 184 21.26 -5.09 29.15
CA ASP A 184 20.86 -5.01 30.54
C ASP A 184 19.46 -4.44 30.75
N ASN A 185 19.11 -3.41 29.98
CA ASN A 185 17.80 -2.81 30.15
C ASN A 185 16.81 -3.23 29.09
N LEU A 186 15.76 -3.93 29.53
CA LEU A 186 14.66 -4.34 28.68
C LEU A 186 13.92 -3.11 28.16
N THR A 187 13.82 -2.10 29.01
CA THR A 187 13.04 -0.90 28.71
C THR A 187 13.54 -0.12 27.49
N SER A 188 14.85 -0.06 27.28
CA SER A 188 15.40 0.73 26.19
C SER A 188 14.63 0.55 24.88
N PRO A 189 14.11 1.67 24.35
CA PRO A 189 13.38 1.73 23.06
C PRO A 189 14.20 1.17 21.91
N ASP A 190 15.49 1.49 21.87
CA ASP A 190 16.36 1.01 20.81
C ASP A 190 16.50 -0.52 20.85
N LEU A 191 16.59 -1.06 22.05
CA LEU A 191 16.66 -2.50 22.26
C LEU A 191 15.41 -3.20 21.76
N GLN A 192 14.25 -2.61 22.06
CA GLN A 192 12.98 -3.15 21.62
C GLN A 192 12.88 -3.15 20.10
N LEU A 193 13.37 -2.09 19.47
CA LEU A 193 13.40 -2.02 18.02
C LEU A 193 14.26 -3.14 17.44
N THR A 194 15.38 -3.41 18.09
CA THR A 194 16.29 -4.46 17.61
C THR A 194 15.62 -5.82 17.68
N VAL A 195 14.93 -6.08 18.78
CA VAL A 195 14.19 -7.32 18.95
C VAL A 195 13.05 -7.41 17.95
N GLY A 196 12.35 -6.30 17.73
CA GLY A 196 11.28 -6.26 16.75
C GLY A 196 11.81 -6.60 15.36
N ALA A 197 12.99 -6.07 15.05
CA ALA A 197 13.63 -6.33 13.76
C ALA A 197 13.97 -7.82 13.59
N VAL A 198 14.36 -8.46 14.68
CA VAL A 198 14.63 -9.89 14.64
C VAL A 198 13.35 -10.64 14.30
N ILE A 199 12.25 -10.22 14.90
CA ILE A 199 10.95 -10.81 14.60
C ILE A 199 10.54 -10.61 13.15
N VAL A 200 10.84 -9.42 12.62
CA VAL A 200 10.49 -9.09 11.25
C VAL A 200 11.33 -9.88 10.26
N GLU A 201 12.57 -10.16 10.64
CA GLU A 201 13.45 -11.03 9.86
C GLU A 201 12.80 -12.41 9.75
N GLU A 202 12.34 -12.91 10.88
CA GLU A 202 11.73 -14.25 10.94
C GLU A 202 10.44 -14.26 10.14
N MET A 203 9.65 -13.20 10.28
CA MET A 203 8.39 -13.06 9.57
C MET A 203 8.61 -13.00 8.06
N ARG A 204 9.63 -12.26 7.65
CA ARG A 204 9.96 -12.12 6.23
C ARG A 204 10.46 -13.45 5.66
N ALA A 205 11.22 -14.19 6.47
CA ALA A 205 11.71 -15.51 6.06
C ALA A 205 10.55 -16.48 5.86
N ALA A 206 9.60 -16.44 6.78
CA ALA A 206 8.41 -17.30 6.70
C ALA A 206 7.62 -16.99 5.43
N ILE A 207 7.41 -15.71 5.16
CA ILE A 207 6.70 -15.31 3.95
C ILE A 207 7.40 -15.81 2.69
N GLU A 208 8.71 -15.60 2.62
CA GLU A 208 9.47 -16.01 1.45
C GLU A 208 9.44 -17.52 1.27
N ARG A 209 9.59 -18.25 2.36
CA ARG A 209 9.61 -19.71 2.28
C ARG A 209 8.26 -20.28 1.88
N GLU A 210 7.18 -19.69 2.39
CA GLU A 210 5.85 -20.26 2.23
C GLU A 210 5.10 -19.76 1.00
N THR A 211 5.48 -18.59 0.48
CA THR A 211 4.85 -18.06 -0.72
C THR A 211 5.84 -17.90 -1.87
N GLY A 212 7.12 -17.78 -1.53
CA GLY A 212 8.16 -17.57 -2.52
C GLY A 212 8.30 -16.11 -2.89
N PHE A 213 7.55 -15.25 -2.20
CA PHE A 213 7.59 -13.82 -2.47
C PHE A 213 8.60 -13.10 -1.59
N GLN A 214 9.38 -12.20 -2.19
CA GLN A 214 10.30 -11.35 -1.45
C GLN A 214 9.61 -10.05 -1.09
N CYS A 215 10.00 -9.46 0.03
CA CYS A 215 9.38 -8.22 0.49
C CYS A 215 10.36 -7.40 1.33
N SER A 216 9.99 -6.15 1.59
CA SER A 216 10.80 -5.28 2.43
C SER A 216 10.00 -4.85 3.64
N ALA A 217 10.69 -4.48 4.71
CA ALA A 217 10.02 -4.03 5.92
C ALA A 217 10.70 -2.82 6.51
N GLY A 218 9.92 -2.02 7.23
CA GLY A 218 10.45 -0.90 7.98
C GLY A 218 10.03 -1.10 9.42
N ILE A 219 10.96 -0.86 10.34
CA ILE A 219 10.67 -1.04 11.75
C ILE A 219 10.95 0.27 12.48
N SER A 220 9.94 0.79 13.17
CA SER A 220 10.10 2.04 13.91
C SER A 220 9.04 2.16 15.00
N HIS A 221 8.86 3.35 15.55
CA HIS A 221 7.94 3.55 16.68
C HIS A 221 6.53 3.92 16.24
N ASN A 222 6.38 4.31 14.98
CA ASN A 222 5.07 4.69 14.46
C ASN A 222 4.90 4.31 12.99
N LYS A 223 3.67 4.36 12.50
CA LYS A 223 3.37 3.89 11.16
C LYS A 223 4.01 4.73 10.06
N VAL A 224 4.03 6.03 10.25
CA VAL A 224 4.63 6.93 9.25
C VAL A 224 6.11 6.67 9.11
N LEU A 225 6.81 6.56 10.24
CA LEU A 225 8.24 6.26 10.22
C LEU A 225 8.53 4.87 9.68
N ALA A 226 7.66 3.90 10.02
CA ALA A 226 7.84 2.54 9.54
C ALA A 226 7.75 2.49 8.02
N LYS A 227 6.73 3.17 7.48
CA LYS A 227 6.55 3.25 6.02
C LYS A 227 7.77 3.87 5.37
N LEU A 228 8.20 5.02 5.89
CA LEU A 228 9.36 5.73 5.37
C LEU A 228 10.58 4.82 5.38
N ALA A 229 10.78 4.14 6.52
CA ALA A 229 11.89 3.22 6.67
C ALA A 229 11.84 2.10 5.65
N CYS A 230 10.64 1.62 5.36
CA CYS A 230 10.48 0.52 4.42
C CYS A 230 11.01 0.88 3.04
N GLY A 231 10.78 2.13 2.63
CA GLY A 231 11.13 2.58 1.29
C GLY A 231 12.62 2.81 1.09
N LEU A 232 13.37 2.84 2.19
CA LEU A 232 14.77 3.24 2.13
C LEU A 232 15.68 2.20 1.48
N ASN A 233 15.42 0.92 1.73
CA ASN A 233 16.30 -0.13 1.24
C ASN A 233 15.63 -1.22 0.42
N LYS A 234 14.55 -0.86 -0.27
CA LYS A 234 13.95 -1.77 -1.24
C LYS A 234 14.96 -2.09 -2.32
N PRO A 235 14.92 -3.33 -2.85
CA PRO A 235 14.01 -4.41 -2.44
C PRO A 235 14.69 -5.49 -1.59
N ASN A 236 13.87 -6.35 -0.98
CA ASN A 236 14.33 -7.50 -0.21
C ASN A 236 15.20 -7.15 0.99
N ARG A 237 14.93 -6.00 1.60
CA ARG A 237 15.66 -5.56 2.76
C ARG A 237 14.73 -4.93 3.78
N GLN A 238 15.15 -4.89 5.03
CA GLN A 238 14.40 -4.20 6.06
C GLN A 238 15.27 -3.13 6.71
N THR A 239 14.65 -2.00 7.03
CA THR A 239 15.38 -0.87 7.58
C THR A 239 14.83 -0.49 8.94
N LEU A 240 15.73 -0.32 9.90
CA LEU A 240 15.35 0.09 11.23
C LEU A 240 15.58 1.58 11.37
N VAL A 241 14.53 2.32 11.65
CA VAL A 241 14.64 3.75 11.90
C VAL A 241 14.42 4.03 13.37
N SER A 242 15.48 4.42 14.06
CA SER A 242 15.41 4.72 15.48
C SER A 242 14.92 6.13 15.70
N HIS A 243 14.48 6.43 16.92
CA HIS A 243 14.03 7.78 17.24
C HIS A 243 15.17 8.78 17.02
N GLY A 244 16.40 8.35 17.32
CA GLY A 244 17.56 9.20 17.22
C GLY A 244 17.97 9.55 15.79
N SER A 245 17.63 8.69 14.84
CA SER A 245 18.00 8.91 13.44
C SER A 245 17.12 9.97 12.78
N VAL A 246 16.04 10.35 13.45
CA VAL A 246 15.03 11.22 12.85
C VAL A 246 15.53 12.63 12.45
N PRO A 247 16.21 13.32 13.38
CA PRO A 247 16.73 14.65 13.04
C PRO A 247 17.58 14.65 11.77
N GLN A 248 18.57 13.76 11.69
CA GLN A 248 19.43 13.69 10.51
C GLN A 248 18.66 13.25 9.27
N LEU A 249 17.76 12.28 9.44
CA LEU A 249 16.94 11.77 8.35
C LEU A 249 15.99 12.84 7.80
N PHE A 250 15.31 13.53 8.69
CA PHE A 250 14.31 14.52 8.31
C PHE A 250 14.93 15.80 7.76
N SER A 251 16.19 16.05 8.12
CA SER A 251 16.81 17.32 7.79
C SER A 251 16.89 17.59 6.28
N GLN A 252 17.03 16.52 5.49
CA GLN A 252 17.07 16.68 4.04
C GLN A 252 15.93 15.91 3.38
N MET A 253 14.90 15.62 4.17
CA MET A 253 13.76 14.85 3.70
C MET A 253 12.68 15.77 3.13
N PRO A 254 12.39 15.63 1.83
CA PRO A 254 11.33 16.40 1.19
C PRO A 254 9.98 16.12 1.85
N ILE A 255 9.18 17.18 2.02
CA ILE A 255 7.89 17.06 2.68
C ILE A 255 6.95 16.05 2.02
N ARG A 256 6.97 15.95 0.70
CA ARG A 256 6.06 15.09 -0.02
C ARG A 256 6.28 13.60 0.26
N LYS A 257 7.44 13.26 0.81
CA LYS A 257 7.78 11.87 1.07
C LYS A 257 7.09 11.32 2.32
N ILE A 258 6.70 12.21 3.22
CA ILE A 258 5.96 11.77 4.40
C ILE A 258 4.54 11.36 3.99
N ARG A 259 4.07 10.26 4.59
CA ARG A 259 2.78 9.71 4.25
C ARG A 259 1.70 10.77 4.43
N SER A 260 0.81 10.87 3.44
CA SER A 260 -0.32 11.79 3.48
C SER A 260 0.07 13.24 3.15
N LEU A 261 1.37 13.50 2.98
CA LEU A 261 1.85 14.83 2.61
C LEU A 261 2.22 14.91 1.13
N GLY A 262 1.87 13.87 0.36
CA GLY A 262 2.19 13.83 -1.06
C GLY A 262 1.26 14.67 -1.90
N GLY A 263 0.12 15.06 -1.33
CA GLY A 263 -0.92 15.76 -2.06
C GLY A 263 -1.01 17.25 -1.83
N LYS A 264 -2.23 17.77 -1.84
CA LYS A 264 -2.46 19.21 -1.72
C LYS A 264 -1.99 19.78 -0.38
N LEU A 265 -2.24 19.05 0.71
CA LEU A 265 -1.85 19.53 2.03
C LEU A 265 -0.35 19.78 2.09
N GLY A 266 0.43 18.81 1.63
CA GLY A 266 1.88 18.95 1.62
C GLY A 266 2.30 20.16 0.81
N ALA A 267 1.63 20.37 -0.31
CA ALA A 267 1.90 21.51 -1.18
C ALA A 267 1.58 22.82 -0.48
N SER A 268 0.52 22.83 0.31
CA SER A 268 0.14 24.00 1.09
C SER A 268 1.19 24.29 2.15
N VAL A 269 1.71 23.22 2.75
CA VAL A 269 2.74 23.39 3.78
C VAL A 269 3.98 24.04 3.20
N ILE A 270 4.37 23.57 2.02
CA ILE A 270 5.54 24.10 1.33
C ILE A 270 5.33 25.54 0.88
N GLU A 271 4.21 25.77 0.21
CA GLU A 271 3.86 27.06 -0.35
C GLU A 271 3.63 28.12 0.74
N ILE A 272 2.80 27.77 1.71
CA ILE A 272 2.47 28.66 2.82
C ILE A 272 3.65 28.93 3.76
N LEU A 273 4.35 27.87 4.16
CA LEU A 273 5.42 27.98 5.14
C LEU A 273 6.76 28.37 4.52
N GLY A 274 6.91 28.13 3.21
CA GLY A 274 8.13 28.47 2.53
C GLY A 274 9.29 27.56 2.90
N ILE A 275 8.99 26.30 3.16
CA ILE A 275 10.04 25.32 3.47
C ILE A 275 9.95 24.16 2.49
N GLU A 276 11.02 23.38 2.37
CA GLU A 276 10.99 22.23 1.47
C GLU A 276 11.31 20.89 2.16
N TYR A 277 11.86 20.94 3.38
CA TYR A 277 12.20 19.72 4.11
C TYR A 277 11.40 19.53 5.39
N MET A 278 11.30 18.28 5.82
CA MET A 278 10.53 17.93 7.00
C MET A 278 11.08 18.60 8.27
N GLY A 279 12.40 18.61 8.42
CA GLY A 279 13.02 19.17 9.60
C GLY A 279 12.64 20.62 9.86
N GLU A 280 12.48 21.37 8.78
CA GLU A 280 12.13 22.80 8.88
C GLU A 280 10.84 23.04 9.64
N LEU A 281 10.02 22.02 9.79
CA LEU A 281 8.75 22.17 10.49
C LEU A 281 8.93 22.43 11.99
N THR A 282 10.10 22.08 12.51
CA THR A 282 10.35 22.15 13.95
C THR A 282 10.37 23.58 14.51
N GLN A 283 10.72 24.54 13.67
CA GLN A 283 10.82 25.93 14.13
C GLN A 283 9.46 26.51 14.52
N PHE A 284 8.41 26.12 13.81
CA PHE A 284 7.07 26.64 14.07
C PHE A 284 6.45 26.05 15.33
N THR A 285 5.72 26.86 16.08
CA THR A 285 4.99 26.37 17.25
C THR A 285 3.74 25.64 16.80
N GLU A 286 3.18 24.83 17.67
CA GLU A 286 2.00 24.04 17.34
C GLU A 286 0.84 24.93 16.94
N SER A 287 0.68 26.04 17.62
CA SER A 287 -0.43 26.95 17.37
C SER A 287 -0.38 27.54 15.96
N GLN A 288 0.82 27.92 15.53
CA GLN A 288 1.00 28.46 14.18
C GLN A 288 0.52 27.47 13.14
N LEU A 289 0.97 26.23 13.27
CA LEU A 289 0.61 25.16 12.34
C LEU A 289 -0.89 24.91 12.31
N GLN A 290 -1.51 24.93 13.49
CA GLN A 290 -2.95 24.69 13.59
C GLN A 290 -3.74 25.78 12.88
N SER A 291 -3.31 27.03 13.04
CA SER A 291 -4.00 28.13 12.39
C SER A 291 -3.92 28.03 10.87
N HIS A 292 -2.78 27.62 10.34
CA HIS A 292 -2.63 27.51 8.89
C HIS A 292 -3.34 26.29 8.31
N PHE A 293 -3.21 25.15 8.99
CA PHE A 293 -3.67 23.89 8.43
C PHE A 293 -4.77 23.22 9.23
N GLY A 294 -5.28 23.92 10.25
CA GLY A 294 -6.32 23.34 11.08
C GLY A 294 -5.77 22.69 12.33
N GLU A 295 -6.65 22.51 13.31
CA GLU A 295 -6.29 21.99 14.62
C GLU A 295 -5.75 20.56 14.56
N LYS A 296 -6.47 19.68 13.86
CA LYS A 296 -6.06 18.27 13.72
C LYS A 296 -4.73 18.13 12.97
N ASN A 297 -4.65 18.76 11.79
CA ASN A 297 -3.43 18.72 10.99
C ASN A 297 -2.24 19.39 11.67
N GLY A 298 -2.49 20.53 12.30
CA GLY A 298 -1.45 21.25 13.00
C GLY A 298 -0.82 20.40 14.08
N SER A 299 -1.65 19.73 14.86
CA SER A 299 -1.17 18.84 15.90
C SER A 299 -0.34 17.71 15.29
N TRP A 300 -0.85 17.16 14.20
CA TRP A 300 -0.20 16.04 13.54
C TRP A 300 1.17 16.42 12.97
N LEU A 301 1.27 17.60 12.38
CA LEU A 301 2.52 18.09 11.81
C LEU A 301 3.53 18.41 12.89
N TYR A 302 3.09 19.11 13.93
CA TYR A 302 3.98 19.48 15.02
C TYR A 302 4.62 18.25 15.63
N ALA A 303 3.82 17.22 15.86
CA ALA A 303 4.31 15.97 16.42
C ALA A 303 5.13 15.21 15.39
N MET A 304 4.69 15.24 14.14
CA MET A 304 5.33 14.41 13.11
C MET A 304 6.76 14.82 12.76
N CYS A 305 7.01 16.13 12.70
CA CYS A 305 8.33 16.61 12.31
C CYS A 305 9.35 16.29 13.40
N ARG A 306 8.85 15.89 14.57
CA ARG A 306 9.70 15.51 15.68
C ARG A 306 9.76 14.00 15.81
N GLY A 307 9.20 13.31 14.81
CA GLY A 307 9.25 11.87 14.72
C GLY A 307 8.19 11.16 15.56
N ILE A 308 7.16 11.90 15.95
CA ILE A 308 6.11 11.34 16.79
C ILE A 308 4.76 11.29 16.09
N GLU A 309 4.16 10.10 16.09
CA GLU A 309 2.83 9.89 15.54
C GLU A 309 2.11 8.87 16.41
N HIS A 310 0.83 9.11 16.68
CA HIS A 310 0.09 8.26 17.62
C HIS A 310 -1.03 7.46 16.98
N ASP A 311 -1.18 7.57 15.66
CA ASP A 311 -2.20 6.79 14.96
C ASP A 311 -1.99 5.32 15.26
N PRO A 312 -3.03 4.65 15.79
CA PRO A 312 -2.92 3.23 16.16
C PRO A 312 -2.91 2.32 14.95
N VAL A 313 -2.29 1.15 15.10
CA VAL A 313 -2.39 0.10 14.10
C VAL A 313 -3.73 -0.60 14.28
N LYS A 314 -4.67 -0.34 13.38
CA LYS A 314 -5.98 -0.94 13.46
C LYS A 314 -5.90 -2.46 13.25
N PRO A 315 -6.53 -3.23 14.15
CA PRO A 315 -6.60 -4.68 13.97
C PRO A 315 -7.62 -5.04 12.90
N ARG A 316 -7.27 -4.85 11.64
CA ARG A 316 -8.20 -5.05 10.54
C ARG A 316 -7.51 -5.79 9.39
N GLN A 317 -7.95 -7.01 9.11
CA GLN A 317 -7.39 -7.77 7.99
C GLN A 317 -8.35 -7.80 6.79
N LEU A 318 -9.57 -7.35 7.00
CA LEU A 318 -10.57 -7.34 5.94
C LEU A 318 -10.97 -5.94 5.51
N PRO A 319 -11.11 -5.74 4.19
CA PRO A 319 -11.59 -4.51 3.57
C PRO A 319 -12.99 -4.15 4.04
N LYS A 320 -13.22 -2.88 4.34
CA LYS A 320 -14.52 -2.42 4.82
C LYS A 320 -15.56 -2.43 3.69
N THR A 321 -15.09 -2.25 2.47
CA THR A 321 -15.98 -2.22 1.30
C THR A 321 -15.42 -3.04 0.15
N ILE A 322 -16.31 -3.54 -0.70
CA ILE A 322 -15.91 -4.26 -1.91
C ILE A 322 -16.57 -3.66 -3.15
N GLY A 323 -15.76 -3.16 -4.06
CA GLY A 323 -16.30 -2.48 -5.24
C GLY A 323 -15.65 -2.86 -6.56
N CYS A 324 -16.37 -2.57 -7.64
CA CYS A 324 -15.85 -2.75 -8.98
C CYS A 324 -16.29 -1.57 -9.85
N SER A 325 -15.41 -1.12 -10.73
CA SER A 325 -15.71 0.02 -11.58
C SER A 325 -15.08 -0.11 -12.97
N LYS A 326 -15.67 0.59 -13.94
CA LYS A 326 -15.14 0.60 -15.29
C LYS A 326 -15.22 1.98 -15.91
N ASN A 327 -14.19 2.34 -16.66
CA ASN A 327 -14.16 3.63 -17.35
C ASN A 327 -14.49 3.49 -18.82
N PHE A 328 -15.22 4.47 -19.32
CA PHE A 328 -15.57 4.54 -20.73
C PHE A 328 -15.21 5.95 -21.18
N PRO A 329 -13.92 6.22 -21.34
CA PRO A 329 -13.46 7.59 -21.56
C PRO A 329 -13.65 8.02 -23.02
N GLY A 330 -13.85 9.32 -23.21
CA GLY A 330 -13.94 9.90 -24.54
C GLY A 330 -15.07 9.34 -25.38
N LYS A 331 -14.70 8.80 -26.53
CA LYS A 331 -15.67 8.33 -27.51
C LYS A 331 -16.44 7.11 -27.03
N THR A 332 -15.79 6.31 -26.20
CA THR A 332 -16.32 5.02 -25.78
C THR A 332 -17.46 5.15 -24.77
N ALA A 333 -17.73 6.38 -24.34
CA ALA A 333 -18.77 6.65 -23.35
C ALA A 333 -20.14 6.08 -23.73
N LEU A 334 -20.85 5.54 -22.76
CA LEU A 334 -22.15 4.90 -22.98
C LEU A 334 -23.25 5.93 -23.23
N ALA A 335 -23.88 5.85 -24.40
CA ALA A 335 -24.86 6.84 -24.81
C ALA A 335 -26.27 6.25 -24.92
N THR A 336 -26.41 4.97 -24.62
CA THR A 336 -27.71 4.32 -24.72
C THR A 336 -28.11 3.61 -23.44
N ARG A 337 -29.41 3.54 -23.21
CA ARG A 337 -29.98 2.88 -22.04
C ARG A 337 -29.55 1.43 -21.93
N GLU A 338 -29.62 0.72 -23.06
CA GLU A 338 -29.30 -0.70 -23.12
C GLU A 338 -27.85 -0.94 -22.72
N GLN A 339 -26.98 -0.04 -23.14
CA GLN A 339 -25.57 -0.13 -22.83
C GLN A 339 -25.34 -0.01 -21.34
N VAL A 340 -25.95 0.99 -20.73
CA VAL A 340 -25.81 1.20 -19.29
C VAL A 340 -26.28 -0.01 -18.50
N GLN A 341 -27.41 -0.59 -18.90
CA GLN A 341 -27.94 -1.77 -18.21
C GLN A 341 -27.00 -2.96 -18.36
N TRP A 342 -26.48 -3.14 -19.57
CA TRP A 342 -25.61 -4.26 -19.86
C TRP A 342 -24.34 -4.20 -19.01
N TRP A 343 -23.74 -3.02 -18.92
CA TRP A 343 -22.52 -2.85 -18.14
C TRP A 343 -22.76 -2.94 -16.63
N LEU A 344 -23.87 -2.37 -16.17
CA LEU A 344 -24.26 -2.51 -14.78
C LEU A 344 -24.36 -4.00 -14.44
N LEU A 345 -24.92 -4.79 -15.35
CA LEU A 345 -25.07 -6.22 -15.11
C LEU A 345 -23.72 -6.92 -15.02
N GLN A 346 -22.77 -6.53 -15.88
CA GLN A 346 -21.44 -7.11 -15.85
C GLN A 346 -20.78 -6.84 -14.51
N LEU A 347 -20.84 -5.57 -14.09
CA LEU A 347 -20.28 -5.17 -12.80
C LEU A 347 -20.92 -5.97 -11.66
N ALA A 348 -22.24 -6.08 -11.68
CA ALA A 348 -22.98 -6.79 -10.65
C ALA A 348 -22.58 -8.26 -10.58
N GLN A 349 -22.27 -8.85 -11.74
CA GLN A 349 -21.89 -10.26 -11.76
C GLN A 349 -20.56 -10.49 -11.05
N GLU A 350 -19.56 -9.67 -11.34
CA GLU A 350 -18.29 -9.80 -10.65
C GLU A 350 -18.47 -9.53 -9.17
N LEU A 351 -19.25 -8.51 -8.86
CA LEU A 351 -19.50 -8.15 -7.46
C LEU A 351 -20.13 -9.32 -6.70
N GLU A 352 -21.13 -9.94 -7.31
CA GLU A 352 -21.81 -11.09 -6.69
C GLU A 352 -20.85 -12.24 -6.43
N GLU A 353 -19.97 -12.51 -7.39
CA GLU A 353 -18.99 -13.59 -7.26
C GLU A 353 -18.00 -13.33 -6.11
N ARG A 354 -17.55 -12.09 -5.99
CA ARG A 354 -16.68 -11.69 -4.89
C ARG A 354 -17.41 -11.68 -3.55
N LEU A 355 -18.66 -11.23 -3.56
CA LEU A 355 -19.49 -11.17 -2.36
C LEU A 355 -19.76 -12.56 -1.78
N THR A 356 -20.10 -13.49 -2.65
CA THR A 356 -20.39 -14.85 -2.21
C THR A 356 -19.15 -15.45 -1.58
N LYS A 357 -18.00 -15.27 -2.22
CA LYS A 357 -16.75 -15.76 -1.65
C LYS A 357 -16.50 -15.11 -0.30
N ASP A 358 -16.83 -13.83 -0.19
CA ASP A 358 -16.65 -13.10 1.05
C ASP A 358 -17.56 -13.66 2.15
N ARG A 359 -18.80 -13.97 1.80
CA ARG A 359 -19.75 -14.47 2.80
C ARG A 359 -19.35 -15.86 3.29
N ASN A 360 -18.94 -16.72 2.37
CA ASN A 360 -18.53 -18.08 2.74
C ASN A 360 -17.20 -18.08 3.51
N ASP A 361 -16.24 -17.29 3.04
CA ASP A 361 -14.91 -17.24 3.64
C ASP A 361 -14.81 -16.40 4.92
N ASN A 362 -15.46 -15.24 4.93
CA ASN A 362 -15.37 -14.32 6.07
C ASN A 362 -16.64 -14.26 6.92
N ASP A 363 -17.68 -14.95 6.49
CA ASP A 363 -18.90 -15.05 7.28
C ASP A 363 -19.53 -13.69 7.60
N ARG A 364 -19.70 -12.88 6.57
CA ARG A 364 -20.36 -11.60 6.72
C ARG A 364 -21.13 -11.23 5.45
N VAL A 365 -22.08 -10.31 5.59
CA VAL A 365 -22.90 -9.87 4.47
C VAL A 365 -22.94 -8.35 4.40
N ALA A 366 -22.98 -7.82 3.19
CA ALA A 366 -23.07 -6.37 2.99
C ALA A 366 -24.52 -5.92 3.01
N THR A 367 -24.77 -4.76 3.62
CA THR A 367 -26.12 -4.26 3.78
C THR A 367 -26.45 -3.11 2.84
N GLN A 368 -25.42 -2.46 2.30
CA GLN A 368 -25.63 -1.29 1.45
C GLN A 368 -24.93 -1.39 0.10
N LEU A 369 -25.66 -1.00 -0.94
CA LEU A 369 -25.11 -0.96 -2.29
C LEU A 369 -24.96 0.48 -2.78
N VAL A 370 -23.78 0.82 -3.27
CA VAL A 370 -23.52 2.18 -3.72
C VAL A 370 -23.27 2.24 -5.22
N VAL A 371 -23.93 3.18 -5.90
CA VAL A 371 -23.77 3.36 -7.35
C VAL A 371 -23.16 4.72 -7.67
N SER A 372 -22.16 4.73 -8.55
CA SER A 372 -21.49 5.97 -8.92
C SER A 372 -21.41 6.13 -10.42
N ILE A 373 -21.73 7.34 -10.90
CA ILE A 373 -21.68 7.60 -12.34
C ILE A 373 -20.99 8.92 -12.63
N ARG A 374 -20.36 8.99 -13.80
CA ARG A 374 -19.75 10.22 -14.29
C ARG A 374 -20.18 10.48 -15.73
N VAL A 375 -20.26 11.75 -16.10
CA VAL A 375 -20.70 12.12 -17.44
C VAL A 375 -19.65 12.97 -18.15
N GLN A 376 -19.77 13.10 -19.46
CA GLN A 376 -18.79 13.83 -20.25
C GLN A 376 -18.67 15.29 -19.83
N GLY A 377 -17.44 15.80 -19.83
CA GLY A 377 -17.18 17.19 -19.52
C GLY A 377 -17.52 17.59 -18.10
N ASP A 378 -17.28 16.70 -17.14
CA ASP A 378 -17.49 17.03 -15.74
C ASP A 378 -16.16 17.15 -15.00
N LYS A 379 -15.93 18.30 -14.38
CA LYS A 379 -14.71 18.55 -13.63
C LYS A 379 -14.57 17.60 -12.43
N ARG A 380 -15.68 17.38 -11.73
CA ARG A 380 -15.67 16.51 -10.56
C ARG A 380 -15.38 15.06 -10.94
N LEU A 381 -14.57 14.40 -10.11
CA LEU A 381 -14.21 13.00 -10.35
C LEU A 381 -15.43 12.08 -10.32
N SER A 382 -16.34 12.33 -9.40
CA SER A 382 -17.58 11.57 -9.33
C SER A 382 -18.76 12.44 -9.72
N SER A 383 -19.40 12.11 -10.83
CA SER A 383 -20.52 12.92 -11.32
C SER A 383 -21.70 12.83 -10.37
N LEU A 384 -21.92 11.64 -9.80
CA LEU A 384 -23.03 11.43 -8.90
C LEU A 384 -22.78 10.26 -7.99
N ARG A 385 -23.40 10.31 -6.80
CA ARG A 385 -23.31 9.20 -5.85
C ARG A 385 -24.68 8.89 -5.28
N ARG A 386 -25.06 7.63 -5.37
CA ARG A 386 -26.36 7.19 -4.87
C ARG A 386 -26.22 5.85 -4.19
N CYS A 387 -27.09 5.59 -3.21
CA CYS A 387 -27.07 4.30 -2.53
C CYS A 387 -28.47 3.72 -2.40
N CYS A 388 -28.53 2.40 -2.31
CA CYS A 388 -29.79 1.70 -2.14
C CYS A 388 -29.57 0.44 -1.31
N ALA A 389 -30.64 -0.09 -0.73
CA ALA A 389 -30.54 -1.29 0.09
C ALA A 389 -30.08 -2.48 -0.74
N LEU A 390 -29.28 -3.34 -0.11
CA LEU A 390 -28.79 -4.55 -0.78
C LEU A 390 -29.31 -5.77 -0.03
N THR A 391 -30.52 -6.21 -0.40
CA THR A 391 -31.18 -7.30 0.32
C THR A 391 -30.57 -8.67 0.01
N ARG A 392 -30.19 -8.91 -1.24
CA ARG A 392 -29.67 -10.22 -1.62
C ARG A 392 -28.52 -10.14 -2.62
N TYR A 393 -27.65 -11.14 -2.60
CA TYR A 393 -26.53 -11.20 -3.54
C TYR A 393 -26.95 -11.74 -4.89
N ASP A 394 -27.82 -10.99 -5.57
CA ASP A 394 -28.30 -11.36 -6.89
C ASP A 394 -27.91 -10.26 -7.88
N ALA A 395 -27.25 -10.65 -8.97
CA ALA A 395 -26.71 -9.70 -9.93
C ALA A 395 -27.80 -8.94 -10.67
N HIS A 396 -28.85 -9.66 -11.05
CA HIS A 396 -29.96 -9.07 -11.79
C HIS A 396 -30.67 -7.99 -11.01
N LYS A 397 -31.02 -8.29 -9.76
CA LYS A 397 -31.66 -7.31 -8.89
C LYS A 397 -30.74 -6.12 -8.62
N MET A 398 -29.47 -6.42 -8.36
CA MET A 398 -28.50 -5.37 -8.03
C MET A 398 -28.33 -4.39 -9.18
N SER A 399 -28.25 -4.91 -10.40
CA SER A 399 -28.11 -4.06 -11.59
C SER A 399 -29.40 -3.27 -11.80
N HIS A 400 -30.54 -3.93 -11.59
CA HIS A 400 -31.83 -3.29 -11.75
C HIS A 400 -32.01 -2.16 -10.72
N ASP A 401 -31.62 -2.41 -9.47
CA ASP A 401 -31.68 -1.39 -8.44
C ASP A 401 -30.79 -0.20 -8.76
N ALA A 402 -29.56 -0.49 -9.18
CA ALA A 402 -28.62 0.55 -9.54
C ALA A 402 -29.20 1.38 -10.68
N PHE A 403 -29.76 0.70 -11.67
CA PHE A 403 -30.36 1.40 -12.80
C PHE A 403 -31.54 2.25 -12.36
N THR A 404 -32.38 1.69 -11.50
CA THR A 404 -33.55 2.40 -10.98
C THR A 404 -33.11 3.68 -10.28
N VAL A 405 -32.05 3.61 -9.50
CA VAL A 405 -31.57 4.77 -8.76
C VAL A 405 -30.96 5.83 -9.68
N ILE A 406 -30.32 5.41 -10.76
CA ILE A 406 -29.65 6.34 -11.65
C ILE A 406 -30.46 6.67 -12.90
N LYS A 407 -31.62 6.04 -13.05
CA LYS A 407 -32.47 6.29 -14.20
C LYS A 407 -32.85 7.77 -14.36
N ASN A 408 -32.99 8.46 -13.24
CA ASN A 408 -33.41 9.86 -13.22
C ASN A 408 -32.36 10.80 -13.80
N CYS A 409 -31.12 10.33 -13.84
CA CYS A 409 -29.97 11.16 -14.19
C CYS A 409 -29.98 11.62 -15.63
N ASN A 410 -30.41 10.74 -16.52
CA ASN A 410 -30.42 11.03 -17.95
C ASN A 410 -31.31 12.23 -18.28
N THR A 411 -30.78 13.15 -19.06
CA THR A 411 -31.50 14.36 -19.44
C THR A 411 -32.44 14.12 -20.63
N SER A 412 -32.05 13.17 -21.49
CA SER A 412 -32.82 12.86 -22.68
C SER A 412 -33.63 11.59 -22.48
N THR A 416 -34.89 6.05 -25.52
CA THR A 416 -33.99 4.93 -25.78
C THR A 416 -32.54 5.40 -25.85
N GLU A 417 -32.32 6.67 -25.58
CA GLU A 417 -30.96 7.22 -25.55
C GLU A 417 -30.61 7.73 -24.17
N TRP A 418 -29.32 7.76 -23.87
CA TRP A 418 -28.85 8.29 -22.61
C TRP A 418 -28.02 9.56 -22.82
N SER A 419 -28.36 10.62 -22.09
CA SER A 419 -27.61 11.87 -22.17
C SER A 419 -27.55 12.48 -20.78
N PRO A 420 -26.37 13.01 -20.40
CA PRO A 420 -25.15 12.94 -21.22
C PRO A 420 -24.54 11.55 -21.16
N PRO A 421 -23.70 11.19 -22.14
CA PRO A 421 -23.02 9.89 -22.10
C PRO A 421 -22.21 9.72 -20.83
N LEU A 422 -22.12 8.50 -20.33
CA LEU A 422 -21.47 8.24 -19.04
C LEU A 422 -20.01 7.85 -19.20
N THR A 423 -19.13 8.56 -18.51
CA THR A 423 -17.71 8.28 -18.57
C THR A 423 -17.39 7.05 -17.74
N MET A 424 -18.14 6.83 -16.67
CA MET A 424 -17.80 5.82 -15.68
C MET A 424 -19.01 5.15 -15.04
N LEU A 425 -18.86 3.86 -14.72
CA LEU A 425 -19.84 3.14 -13.89
C LEU A 425 -19.15 2.56 -12.66
N PHE A 426 -19.81 2.67 -11.50
CA PHE A 426 -19.22 2.20 -10.26
C PHE A 426 -20.26 1.57 -9.34
N LEU A 427 -20.01 0.33 -8.93
CA LEU A 427 -20.83 -0.35 -7.92
C LEU A 427 -19.96 -0.75 -6.75
N CYS A 428 -20.40 -0.43 -5.53
CA CYS A 428 -19.66 -0.81 -4.34
C CYS A 428 -20.57 -1.32 -3.23
N ALA A 429 -20.16 -2.41 -2.59
CA ALA A 429 -20.91 -2.97 -1.47
C ALA A 429 -20.30 -2.49 -0.17
N THR A 430 -21.14 -2.03 0.75
CA THR A 430 -20.66 -1.43 1.99
C THR A 430 -21.49 -1.86 3.19
N LYS A 431 -21.10 -1.39 4.37
CA LYS A 431 -21.87 -1.62 5.58
C LYS A 431 -22.07 -3.10 5.88
N PHE A 432 -20.96 -3.84 5.97
CA PHE A 432 -21.00 -5.27 6.25
C PHE A 432 -21.42 -5.57 7.69
N SER A 433 -22.24 -6.61 7.85
CA SER A 433 -22.68 -7.07 9.16
C SER A 433 -22.44 -8.57 9.31
N ALA A 434 -22.25 -9.04 10.54
CA ALA A 434 -21.92 -10.45 10.77
C ALA A 434 -23.06 -11.39 10.37
N SER A 435 -22.71 -12.52 9.76
CA SER A 435 -23.68 -13.55 9.38
C SER A 435 -23.01 -14.91 9.29
MG MG D . 4.93 -3.25 -2.99
MG MG E . 2.33 -1.05 -1.40
N1 XG4 F . -3.18 1.24 -10.64
C2 XG4 F . -3.43 -0.13 -10.50
N2 XG4 F . -4.47 -0.60 -11.26
N3 XG4 F . -2.77 -1.05 -9.69
C4 XG4 F . -1.74 -0.49 -8.97
C5 XG4 F . -1.40 0.90 -9.03
C6 XG4 F . -2.16 1.72 -9.89
O6 XG4 F . -1.85 3.03 -9.96
N7 XG4 F . -0.33 1.18 -8.19
C8 XG4 F . -0.01 0.01 -7.62
N9 XG4 F . -0.85 -1.07 -8.04
PA XG4 F . 3.16 -0.83 -4.70
PB XG4 F . 5.01 -2.67 -6.13
PG XG4 F . 7.47 -1.81 -4.84
C1' XG4 F . -0.79 -2.50 -7.63
O1A XG4 F . 3.62 -1.49 -3.34
O1B XG4 F . 4.76 -3.69 -4.96
O1G XG4 F . 6.57 -1.90 -3.57
C2' XG4 F . 0.17 -3.33 -8.52
O2A XG4 F . 2.84 0.59 -4.50
O2B XG4 F . 4.60 -3.09 -7.51
O2G XG4 F . 8.61 -2.85 -4.51
C3' XG4 F . 1.43 -3.41 -7.64
O3' XG4 F . 2.29 -4.45 -7.96
N3A XG4 F . 4.27 -1.21 -5.87
O3B XG4 F . 6.55 -2.34 -6.00
O3G XG4 F . 7.90 -0.49 -5.30
C4' XG4 F . 0.82 -3.48 -6.23
O4' XG4 F . -0.36 -2.70 -6.29
C5' XG4 F . 1.65 -3.06 -4.99
O5' XG4 F . 1.71 -1.66 -4.91
PT1 CPT G . -9.99 4.99 -8.77
PT1 CPT G . -8.63 5.46 -10.06
N1 CPT G . -10.24 6.37 -10.29
N1 CPT G . -7.87 6.36 -11.74
N2 CPT G . -11.10 6.14 -7.55
N2 CPT G . -9.28 7.23 -9.39
#